data_1C8U
#
_entry.id   1C8U
#
_cell.length_a   95.902
_cell.length_b   119.805
_cell.length_c   165.479
_cell.angle_alpha   90.00
_cell.angle_beta   90.00
_cell.angle_gamma   90.00
#
_symmetry.space_group_name_H-M   'C 2 2 21'
#
loop_
_entity.id
_entity.type
_entity.pdbx_description
1 polymer 'ACYL-COA THIOESTERASE II'
2 non-polymer 'LAURYL DIMETHYLAMINE-N-OXIDE'
3 water water
#
_entity_poly.entity_id   1
_entity_poly.type   'polypeptide(L)'
_entity_poly.pdbx_seq_one_letter_code
;SQALKNLLTLLNLEKIEEGLFRGQSEDLGLRQVFGGQVVGQALYAAKETVPEERLVHSFHSYFLRPGDSKKPIIYDVETL
RDGNSFSARRVAAIQNGKPIFYMTASFQAPEAGFEHQKTMPSAPAPDGLPSETQIAQSLAHLLPPVLKDKFICDRPLEVR
PVEFHNPLKGHVAEPHRQVWIRANGSVPDDLRVHQYLLGYASDLNFLPVALQPHGIGFLEPGIQIATIDHSMWFHRPFNL
NEWLLYSVESTSASSARGFVRGEFYTQDGVLVASTVQEGVMRNHN
;
_entity_poly.pdbx_strand_id   A,B
#
# COMPACT_ATOMS: atom_id res chain seq x y z
N SER A 1 14.86 29.41 -2.82
CA SER A 1 14.03 29.91 -1.68
C SER A 1 12.63 30.21 -2.16
N GLN A 2 12.52 31.04 -3.20
CA GLN A 2 11.20 31.40 -3.72
C GLN A 2 10.40 30.17 -4.13
N ALA A 3 11.05 29.24 -4.82
CA ALA A 3 10.37 28.02 -5.27
C ALA A 3 9.76 27.27 -4.08
N LEU A 4 10.49 27.15 -2.99
CA LEU A 4 9.95 26.45 -1.82
C LEU A 4 8.79 27.25 -1.24
N LYS A 5 8.95 28.57 -1.18
CA LYS A 5 7.89 29.42 -0.66
C LYS A 5 6.64 29.29 -1.53
N ASN A 6 6.84 29.21 -2.84
CA ASN A 6 5.72 29.07 -3.76
C ASN A 6 4.99 27.75 -3.56
N LEU A 7 5.73 26.66 -3.44
CA LEU A 7 5.12 25.35 -3.23
C LEU A 7 4.35 25.31 -1.92
N LEU A 8 4.96 25.81 -0.84
CA LEU A 8 4.29 25.81 0.45
C LEU A 8 3.00 26.63 0.39
N THR A 9 3.04 27.72 -0.37
CA THR A 9 1.87 28.58 -0.51
C THR A 9 0.81 27.80 -1.30
N LEU A 10 1.22 27.16 -2.38
CA LEU A 10 0.30 26.41 -3.22
C LEU A 10 -0.35 25.26 -2.42
N LEU A 11 0.40 24.68 -1.48
CA LEU A 11 -0.11 23.58 -0.68
C LEU A 11 -1.05 24.07 0.42
N ASN A 12 -0.89 25.32 0.81
CA ASN A 12 -1.72 25.94 1.84
C ASN A 12 -3.04 26.31 1.16
N LEU A 13 -3.97 25.36 1.12
CA LEU A 13 -5.26 25.55 0.46
C LEU A 13 -6.17 26.68 0.92
N GLU A 14 -7.01 27.13 -0.02
CA GLU A 14 -7.99 28.19 0.21
C GLU A 14 -9.26 27.47 0.70
N LYS A 15 -9.78 27.92 1.84
CA LYS A 15 -10.97 27.30 2.41
C LYS A 15 -12.28 27.87 1.83
N ILE A 16 -13.09 27.00 1.24
CA ILE A 16 -14.36 27.42 0.67
C ILE A 16 -15.43 27.22 1.75
N GLU A 17 -15.29 26.12 2.49
CA GLU A 17 -16.19 25.81 3.59
C GLU A 17 -15.53 24.74 4.44
N GLU A 18 -16.20 24.29 5.49
CA GLU A 18 -15.64 23.26 6.35
C GLU A 18 -15.40 22.00 5.52
N GLY A 19 -14.15 21.53 5.50
CA GLY A 19 -13.83 20.34 4.73
C GLY A 19 -14.01 20.56 3.23
N LEU A 20 -13.92 21.80 2.80
CA LEU A 20 -14.05 22.12 1.38
C LEU A 20 -13.01 23.15 0.96
N PHE A 21 -12.04 22.70 0.18
CA PHE A 21 -10.97 23.60 -0.24
C PHE A 21 -10.74 23.72 -1.73
N ARG A 22 -9.93 24.71 -2.07
CA ARG A 22 -9.57 24.99 -3.44
C ARG A 22 -8.07 25.18 -3.53
N GLY A 23 -7.44 24.45 -4.45
CA GLY A 23 -6.01 24.55 -4.60
C GLY A 23 -5.60 24.94 -6.00
N GLN A 24 -4.57 25.78 -6.09
CA GLN A 24 -4.05 26.20 -7.38
C GLN A 24 -3.04 25.15 -7.80
N SER A 25 -2.74 25.08 -9.09
CA SER A 25 -1.78 24.11 -9.61
C SER A 25 -0.46 24.74 -10.05
N GLU A 26 0.61 23.98 -9.91
CA GLU A 26 1.96 24.43 -10.22
C GLU A 26 2.16 24.93 -11.65
N ASP A 27 2.94 26.00 -11.77
CA ASP A 27 3.27 26.54 -13.08
C ASP A 27 4.44 25.73 -13.57
N LEU A 28 5.20 25.37 -12.56
CA LEU A 28 6.43 24.57 -12.61
C LEU A 28 6.15 23.22 -13.29
N GLY A 29 7.04 23.19 -14.35
CA GLY A 29 7.13 22.30 -15.51
C GLY A 29 5.83 21.48 -15.87
N LEU A 30 5.61 21.01 -17.14
CA LEU A 30 4.68 19.91 -17.42
C LEU A 30 3.24 20.43 -17.33
N ARG A 31 2.55 20.20 -18.56
CA ARG A 31 1.18 20.72 -18.47
C ARG A 31 0.40 19.88 -17.46
N GLN A 32 0.43 18.60 -17.44
CA GLN A 32 -0.33 17.78 -16.50
C GLN A 32 0.11 18.03 -15.05
N VAL A 33 -0.86 17.97 -14.15
CA VAL A 33 -0.61 18.16 -12.74
C VAL A 33 0.33 17.09 -12.21
N PHE A 34 1.30 17.50 -11.41
CA PHE A 34 2.22 16.56 -10.80
C PHE A 34 1.46 15.85 -9.69
N GLY A 35 1.55 14.52 -9.65
CA GLY A 35 0.86 13.75 -8.63
C GLY A 35 1.18 14.24 -7.23
N GLY A 36 2.44 14.59 -7.00
CA GLY A 36 2.85 15.08 -5.69
C GLY A 36 2.05 16.27 -5.22
N GLN A 37 1.67 17.14 -6.16
CA GLN A 37 0.89 18.33 -5.80
C GLN A 37 -0.48 17.91 -5.23
N VAL A 38 -1.11 16.95 -5.91
CA VAL A 38 -2.42 16.48 -5.47
C VAL A 38 -2.31 15.82 -4.11
N VAL A 39 -1.32 14.94 -3.95
CA VAL A 39 -1.12 14.24 -2.69
C VAL A 39 -0.88 15.23 -1.56
N GLY A 40 0.01 16.19 -1.79
CA GLY A 40 0.31 17.19 -0.79
C GLY A 40 -0.91 18.02 -0.40
N GLN A 41 -1.65 18.47 -1.41
CA GLN A 41 -2.83 19.29 -1.17
C GLN A 41 -3.95 18.50 -0.49
N ALA A 42 -4.11 17.24 -0.86
CA ALA A 42 -5.15 16.40 -0.26
C ALA A 42 -4.86 16.19 1.22
N LEU A 43 -3.58 16.01 1.56
CA LEU A 43 -3.18 15.81 2.94
C LEU A 43 -3.47 17.06 3.75
N TYR A 44 -3.17 18.22 3.18
CA TYR A 44 -3.44 19.47 3.89
C TYR A 44 -4.93 19.52 4.21
N ALA A 45 -5.75 19.31 3.18
CA ALA A 45 -7.20 19.33 3.33
C ALA A 45 -7.66 18.40 4.43
N ALA A 46 -7.17 17.17 4.40
CA ALA A 46 -7.56 16.19 5.39
C ALA A 46 -7.16 16.60 6.80
N LYS A 47 -5.91 17.00 6.97
CA LYS A 47 -5.41 17.39 8.28
C LYS A 47 -6.14 18.59 8.88
N GLU A 48 -6.72 19.43 8.05
CA GLU A 48 -7.46 20.60 8.53
C GLU A 48 -8.76 20.20 9.22
N THR A 49 -9.25 18.99 8.92
CA THR A 49 -10.50 18.51 9.51
C THR A 49 -10.25 17.53 10.64
N VAL A 50 -9.00 17.42 11.05
CA VAL A 50 -8.64 16.47 12.11
C VAL A 50 -8.15 17.13 13.40
N PRO A 51 -8.44 16.50 14.56
CA PRO A 51 -8.00 17.06 15.84
C PRO A 51 -6.51 17.38 15.72
N GLU A 52 -6.07 18.49 16.32
CA GLU A 52 -4.68 18.89 16.20
C GLU A 52 -3.61 17.88 16.63
N GLU A 53 -3.85 17.15 17.70
CA GLU A 53 -2.87 16.17 18.19
C GLU A 53 -2.71 14.91 17.35
N ARG A 54 -3.67 14.63 16.48
CA ARG A 54 -3.60 13.42 15.65
C ARG A 54 -2.90 13.66 14.33
N LEU A 55 -1.72 13.06 14.19
CA LEU A 55 -0.88 13.19 13.01
C LEU A 55 -1.16 12.08 12.00
N VAL A 56 -1.07 12.39 10.71
CA VAL A 56 -1.33 11.37 9.72
C VAL A 56 -0.27 10.28 9.87
N HIS A 57 -0.69 9.02 9.82
CA HIS A 57 0.25 7.90 9.92
C HIS A 57 0.20 7.04 8.66
N SER A 58 -0.82 7.24 7.83
CA SER A 58 -0.93 6.50 6.58
C SER A 58 -2.01 7.03 5.65
N PHE A 59 -1.89 6.68 4.37
CA PHE A 59 -2.91 7.07 3.39
C PHE A 59 -2.80 6.21 2.13
N HIS A 60 -3.94 6.01 1.47
CA HIS A 60 -4.03 5.24 0.24
C HIS A 60 -4.69 6.19 -0.74
N SER A 61 -4.30 6.13 -2.00
CA SER A 61 -4.93 7.01 -2.97
C SER A 61 -4.91 6.40 -4.36
N TYR A 62 -5.90 6.77 -5.16
CA TYR A 62 -6.01 6.32 -6.54
C TYR A 62 -6.19 7.55 -7.42
N PHE A 63 -5.54 7.53 -8.58
CA PHE A 63 -5.67 8.60 -9.55
C PHE A 63 -6.59 8.04 -10.63
N LEU A 64 -7.65 8.77 -10.95
CA LEU A 64 -8.61 8.31 -11.95
C LEU A 64 -8.49 8.99 -13.32
N ARG A 65 -8.06 10.25 -13.32
CA ARG A 65 -7.93 11.01 -14.56
C ARG A 65 -6.77 11.99 -14.45
N PRO A 66 -6.15 12.35 -15.58
CA PRO A 66 -5.04 13.30 -15.53
C PRO A 66 -5.51 14.66 -15.05
N GLY A 67 -4.67 15.35 -14.29
CA GLY A 67 -5.05 16.66 -13.81
C GLY A 67 -4.53 17.76 -14.73
N ASP A 68 -5.34 18.80 -14.94
CA ASP A 68 -4.94 19.93 -15.79
C ASP A 68 -4.38 21.03 -14.90
N SER A 69 -3.07 21.28 -14.99
CA SER A 69 -2.43 22.31 -14.15
C SER A 69 -2.85 23.74 -14.49
N LYS A 70 -3.53 23.89 -15.62
CA LYS A 70 -4.01 25.21 -16.04
C LYS A 70 -5.27 25.58 -15.24
N LYS A 71 -5.77 24.63 -14.44
CA LYS A 71 -6.97 24.87 -13.63
C LYS A 71 -6.80 24.49 -12.17
N PRO A 72 -7.61 25.08 -11.29
CA PRO A 72 -7.52 24.77 -9.86
C PRO A 72 -8.18 23.41 -9.57
N ILE A 73 -8.06 22.95 -8.34
CA ILE A 73 -8.62 21.67 -7.96
C ILE A 73 -9.40 21.84 -6.67
N ILE A 74 -10.60 21.25 -6.62
CA ILE A 74 -11.41 21.33 -5.41
C ILE A 74 -11.21 20.06 -4.62
N TYR A 75 -10.95 20.23 -3.32
CA TYR A 75 -10.76 19.09 -2.44
C TYR A 75 -11.92 19.07 -1.45
N ASP A 76 -12.68 17.98 -1.49
CA ASP A 76 -13.84 17.80 -0.62
C ASP A 76 -13.53 16.67 0.38
N VAL A 77 -13.48 17.03 1.65
CA VAL A 77 -13.16 16.07 2.69
C VAL A 77 -14.38 15.44 3.37
N GLU A 78 -14.36 14.12 3.50
CA GLU A 78 -15.43 13.38 4.15
C GLU A 78 -14.90 12.75 5.42
N THR A 79 -15.62 12.96 6.53
CA THR A 79 -15.21 12.37 7.80
C THR A 79 -15.73 10.95 7.84
N LEU A 80 -14.80 9.99 7.91
CA LEU A 80 -15.18 8.58 7.94
C LEU A 80 -15.34 8.06 9.36
N ARG A 81 -14.50 8.54 10.27
CA ARG A 81 -14.58 8.09 11.65
C ARG A 81 -13.68 8.89 12.58
N ASP A 82 -14.11 9.03 13.83
CA ASP A 82 -13.35 9.70 14.86
C ASP A 82 -13.50 8.85 16.10
N GLY A 83 -12.49 8.02 16.37
CA GLY A 83 -12.52 7.14 17.52
C GLY A 83 -11.67 7.64 18.67
N ASN A 84 -11.51 6.82 19.69
CA ASN A 84 -10.71 7.20 20.85
C ASN A 84 -9.24 7.39 20.49
N SER A 85 -8.82 6.86 19.35
CA SER A 85 -7.43 6.99 18.93
C SER A 85 -7.26 7.48 17.50
N PHE A 86 -7.98 6.84 16.58
CA PHE A 86 -7.88 7.16 15.17
C PHE A 86 -8.99 7.99 14.55
N SER A 87 -8.59 8.85 13.62
CA SER A 87 -9.50 9.69 12.86
C SER A 87 -9.20 9.34 11.40
N ALA A 88 -10.25 9.08 10.63
CA ALA A 88 -10.08 8.73 9.22
C ALA A 88 -10.86 9.70 8.34
N ARG A 89 -10.28 10.07 7.20
CA ARG A 89 -10.89 11.01 6.28
C ARG A 89 -10.67 10.58 4.83
N ARG A 90 -11.65 10.87 3.98
CA ARG A 90 -11.53 10.57 2.56
C ARG A 90 -11.60 11.90 1.81
N VAL A 91 -10.63 12.12 0.94
CA VAL A 91 -10.57 13.36 0.17
C VAL A 91 -10.78 13.15 -1.32
N ALA A 92 -11.72 13.92 -1.87
CA ALA A 92 -11.99 13.84 -3.29
C ALA A 92 -11.41 15.08 -3.98
N ALA A 93 -10.57 14.86 -4.98
CA ALA A 93 -9.97 15.96 -5.73
C ALA A 93 -10.82 16.06 -6.99
N ILE A 94 -11.46 17.21 -7.18
CA ILE A 94 -12.35 17.40 -8.32
C ILE A 94 -11.91 18.50 -9.26
N GLN A 95 -12.10 18.25 -10.56
CA GLN A 95 -11.76 19.21 -11.60
C GLN A 95 -12.65 18.86 -12.79
N ASN A 96 -13.34 19.86 -13.32
CA ASN A 96 -14.24 19.65 -14.46
C ASN A 96 -15.41 18.76 -14.08
N GLY A 97 -15.96 18.98 -12.89
CA GLY A 97 -17.10 18.20 -12.45
C GLY A 97 -16.85 16.71 -12.29
N LYS A 98 -15.60 16.30 -12.27
CA LYS A 98 -15.30 14.89 -12.10
C LYS A 98 -14.15 14.66 -11.13
N PRO A 99 -14.20 13.55 -10.39
CA PRO A 99 -13.11 13.27 -9.45
C PRO A 99 -11.91 12.79 -10.25
N ILE A 100 -10.74 13.35 -9.96
CA ILE A 100 -9.54 12.94 -10.66
C ILE A 100 -8.68 12.10 -9.72
N PHE A 101 -9.05 12.10 -8.45
CA PHE A 101 -8.27 11.40 -7.45
C PHE A 101 -9.00 11.30 -6.11
N TYR A 102 -8.76 10.20 -5.40
CA TYR A 102 -9.35 9.99 -4.08
C TYR A 102 -8.26 9.51 -3.15
N MET A 103 -8.29 10.00 -1.92
CA MET A 103 -7.34 9.60 -0.91
C MET A 103 -8.08 9.37 0.39
N THR A 104 -7.66 8.35 1.13
CA THR A 104 -8.22 8.07 2.43
C THR A 104 -7.00 8.07 3.33
N ALA A 105 -7.02 8.89 4.38
CA ALA A 105 -5.89 8.97 5.28
C ALA A 105 -6.33 8.71 6.71
N SER A 106 -5.43 8.13 7.50
CA SER A 106 -5.73 7.84 8.90
C SER A 106 -4.78 8.64 9.77
N PHE A 107 -5.30 9.18 10.87
CA PHE A 107 -4.52 9.99 11.79
C PHE A 107 -4.59 9.42 13.20
N GLN A 108 -3.52 9.60 13.96
CA GLN A 108 -3.43 9.09 15.33
C GLN A 108 -2.54 10.00 16.16
N ALA A 109 -2.84 10.11 17.45
CA ALA A 109 -2.02 10.96 18.33
C ALA A 109 -0.76 10.19 18.71
N PRO A 110 0.34 10.90 18.98
CA PRO A 110 1.59 10.24 19.36
C PRO A 110 1.37 9.27 20.51
N GLU A 111 2.23 8.26 20.59
CA GLU A 111 2.11 7.26 21.63
C GLU A 111 3.40 6.44 21.71
N ALA A 112 3.71 5.95 22.91
CA ALA A 112 4.89 5.12 23.11
C ALA A 112 4.46 3.69 22.87
N GLY A 113 5.31 2.91 22.23
CA GLY A 113 4.99 1.52 21.95
C GLY A 113 6.16 0.73 21.42
N PHE A 114 5.87 -0.48 20.93
CA PHE A 114 6.91 -1.35 20.38
C PHE A 114 7.73 -0.62 19.32
N GLU A 115 9.04 -0.79 19.37
CA GLU A 115 9.92 -0.13 18.40
C GLU A 115 10.92 -1.09 17.78
N HIS A 116 11.05 -0.99 16.45
CA HIS A 116 12.01 -1.77 15.70
C HIS A 116 11.94 -1.28 14.27
N GLN A 117 13.04 -1.45 13.54
CA GLN A 117 13.06 -1.01 12.16
C GLN A 117 14.13 -1.70 11.36
N LYS A 118 13.89 -1.75 10.05
CA LYS A 118 14.80 -2.33 9.09
C LYS A 118 16.07 -1.49 9.12
N THR A 119 17.21 -2.12 8.88
CA THR A 119 18.47 -1.38 8.88
C THR A 119 18.58 -0.65 7.54
N MET A 120 18.99 0.61 7.59
CA MET A 120 19.15 1.44 6.40
C MET A 120 20.14 0.79 5.43
N PRO A 121 19.79 0.74 4.13
CA PRO A 121 20.69 0.14 3.14
C PRO A 121 21.94 1.00 2.99
N SER A 122 23.04 0.42 2.51
CA SER A 122 24.26 1.20 2.35
C SER A 122 24.07 2.20 1.22
N ALA A 123 24.55 3.41 1.44
CA ALA A 123 24.46 4.48 0.47
C ALA A 123 25.51 5.52 0.80
N PRO A 124 26.06 6.20 -0.21
CA PRO A 124 27.08 7.21 0.05
C PRO A 124 26.41 8.45 0.64
N ALA A 125 27.21 9.27 1.33
CA ALA A 125 26.69 10.48 1.91
C ALA A 125 26.29 11.42 0.78
N PRO A 126 25.35 12.33 1.03
CA PRO A 126 24.93 13.26 -0.01
C PRO A 126 26.01 14.30 -0.33
N ASP A 127 26.99 14.43 0.56
CA ASP A 127 28.05 15.42 0.43
C ASP A 127 28.74 15.62 -0.93
N GLY A 128 29.31 14.57 -1.51
CA GLY A 128 29.98 14.78 -2.78
C GLY A 128 29.10 14.72 -4.02
N LEU A 129 27.80 14.49 -3.83
CA LEU A 129 26.90 14.37 -4.96
C LEU A 129 26.30 15.63 -5.56
N PRO A 130 26.35 15.75 -6.90
CA PRO A 130 25.76 16.95 -7.52
C PRO A 130 24.24 16.80 -7.56
N SER A 131 23.53 17.92 -7.58
CA SER A 131 22.07 17.91 -7.63
C SER A 131 21.60 17.63 -9.07
N GLU A 132 20.32 17.30 -9.22
CA GLU A 132 19.77 17.04 -10.55
C GLU A 132 19.89 18.32 -11.34
N THR A 133 19.67 19.44 -10.66
CA THR A 133 19.75 20.74 -11.28
C THR A 133 21.16 20.98 -11.81
N GLN A 134 22.16 20.61 -11.02
CA GLN A 134 23.54 20.76 -11.44
C GLN A 134 23.80 19.89 -12.66
N ILE A 135 23.36 18.65 -12.59
CA ILE A 135 23.55 17.70 -13.69
C ILE A 135 22.92 18.23 -14.97
N ALA A 136 21.72 18.77 -14.84
CA ALA A 136 21.00 19.32 -15.98
C ALA A 136 21.84 20.45 -16.61
N GLN A 137 22.33 21.34 -15.76
CA GLN A 137 23.14 22.46 -16.23
C GLN A 137 24.37 21.94 -16.97
N SER A 138 24.98 20.90 -16.43
CA SER A 138 26.17 20.32 -17.02
C SER A 138 25.88 19.71 -18.39
N LEU A 139 24.87 18.85 -18.45
CA LEU A 139 24.51 18.21 -19.71
C LEU A 139 23.97 19.21 -20.74
N ALA A 140 23.46 20.34 -20.27
CA ALA A 140 22.91 21.35 -21.18
C ALA A 140 23.93 22.30 -21.85
N HIS A 141 25.23 22.11 -21.59
CA HIS A 141 26.23 22.97 -22.23
C HIS A 141 26.25 22.86 -23.76
N LEU A 142 25.13 23.20 -24.41
CA LEU A 142 25.02 23.14 -25.87
C LEU A 142 23.75 23.83 -26.39
N LEU A 143 23.65 23.95 -27.71
CA LEU A 143 22.49 24.57 -28.34
C LEU A 143 22.32 26.03 -27.94
N PRO A 144 21.51 26.78 -28.71
CA PRO A 144 21.25 28.21 -28.45
C PRO A 144 20.71 28.48 -27.03
N PRO A 145 21.37 29.40 -26.30
CA PRO A 145 20.91 29.74 -24.95
C PRO A 145 19.49 30.30 -24.94
N VAL A 146 18.96 30.54 -26.13
CA VAL A 146 17.60 31.07 -26.30
C VAL A 146 16.62 30.30 -25.43
N LEU A 147 16.81 28.99 -25.36
CA LEU A 147 15.95 28.14 -24.56
C LEU A 147 16.64 27.87 -23.23
N LYS A 148 17.97 27.96 -23.25
CA LYS A 148 18.78 27.75 -22.06
C LYS A 148 18.61 28.91 -21.08
N ASP A 149 17.90 29.94 -21.52
CA ASP A 149 17.64 31.11 -20.68
C ASP A 149 16.19 31.15 -20.22
N LYS A 150 15.73 30.02 -19.70
CA LYS A 150 14.35 29.91 -19.22
C LYS A 150 14.22 28.73 -18.26
N PHE A 151 14.82 27.60 -18.66
CA PHE A 151 14.80 26.39 -17.84
C PHE A 151 16.02 26.42 -16.91
N ILE A 152 15.77 26.47 -15.60
CA ILE A 152 16.85 26.51 -14.64
C ILE A 152 16.56 26.01 -13.22
N CYS A 153 17.62 26.00 -12.42
CA CYS A 153 17.66 25.56 -11.04
C CYS A 153 16.49 25.62 -10.05
N ASP A 154 15.82 26.76 -9.97
CA ASP A 154 14.75 26.92 -8.98
C ASP A 154 13.68 25.85 -8.77
N ARG A 155 13.94 24.99 -7.79
CA ARG A 155 13.03 23.91 -7.41
C ARG A 155 12.76 24.02 -5.92
N PRO A 156 11.59 23.56 -5.47
CA PRO A 156 11.29 23.63 -4.04
C PRO A 156 12.13 22.63 -3.24
N LEU A 157 12.60 21.58 -3.92
CA LEU A 157 13.42 20.55 -3.26
C LEU A 157 14.75 20.35 -3.97
N GLU A 158 15.78 19.99 -3.20
CA GLU A 158 17.09 19.71 -3.77
C GLU A 158 17.22 18.19 -3.79
N VAL A 159 17.55 17.65 -4.95
CA VAL A 159 17.70 16.21 -5.11
C VAL A 159 19.09 15.83 -5.62
N ARG A 160 19.78 14.96 -4.88
CA ARG A 160 21.10 14.49 -5.26
C ARG A 160 21.05 12.97 -5.42
N PRO A 161 20.98 12.49 -6.67
CA PRO A 161 20.92 11.05 -6.94
C PRO A 161 22.25 10.33 -6.75
N VAL A 162 22.19 9.10 -6.23
CA VAL A 162 23.39 8.30 -6.02
C VAL A 162 23.86 7.88 -7.42
N GLU A 163 22.89 7.54 -8.26
CA GLU A 163 23.18 7.19 -9.65
C GLU A 163 22.16 7.96 -10.49
N PHE A 164 22.62 8.62 -11.53
CA PHE A 164 21.71 9.41 -12.36
C PHE A 164 21.08 8.63 -13.51
N HIS A 165 19.75 8.66 -13.55
CA HIS A 165 18.99 7.99 -14.59
C HIS A 165 18.36 9.11 -15.39
N ASN A 166 18.86 9.34 -16.59
CA ASN A 166 18.35 10.40 -17.44
C ASN A 166 16.97 10.02 -17.98
N PRO A 167 15.93 10.79 -17.61
CA PRO A 167 14.56 10.55 -18.04
C PRO A 167 14.39 10.77 -19.55
N LEU A 168 15.32 11.53 -20.13
CA LEU A 168 15.30 11.83 -21.55
C LEU A 168 15.86 10.71 -22.41
N LYS A 169 16.74 9.91 -21.83
CA LYS A 169 17.32 8.82 -22.59
C LYS A 169 17.22 7.47 -21.90
N GLY A 170 17.75 7.35 -20.69
CA GLY A 170 17.63 6.07 -20.00
C GLY A 170 18.57 4.97 -20.45
N HIS A 171 19.03 4.18 -19.48
CA HIS A 171 19.95 3.08 -19.73
C HIS A 171 19.54 1.89 -18.86
N VAL A 172 19.77 0.68 -19.35
CA VAL A 172 19.42 -0.51 -18.59
C VAL A 172 20.16 -0.50 -17.25
N ALA A 173 19.44 -0.86 -16.19
CA ALA A 173 20.03 -0.88 -14.85
C ALA A 173 19.12 -1.67 -13.94
N GLU A 174 19.69 -2.22 -12.86
CA GLU A 174 18.89 -2.99 -11.90
C GLU A 174 17.76 -2.09 -11.39
N PRO A 175 16.62 -2.70 -11.03
CA PRO A 175 15.47 -1.94 -10.54
C PRO A 175 15.59 -1.37 -9.12
N HIS A 176 16.61 -0.54 -8.91
CA HIS A 176 16.85 0.09 -7.62
C HIS A 176 17.37 1.51 -7.87
N ARG A 177 17.03 2.43 -6.98
CA ARG A 177 17.50 3.80 -7.10
C ARG A 177 17.57 4.45 -5.74
N GLN A 178 18.53 5.34 -5.57
CA GLN A 178 18.70 6.05 -4.31
C GLN A 178 18.94 7.51 -4.62
N VAL A 179 18.19 8.40 -3.97
CA VAL A 179 18.39 9.83 -4.15
C VAL A 179 18.26 10.50 -2.79
N TRP A 180 19.11 11.49 -2.54
CA TRP A 180 19.05 12.23 -1.28
C TRP A 180 18.17 13.45 -1.55
N ILE A 181 17.28 13.76 -0.62
CA ILE A 181 16.36 14.89 -0.77
C ILE A 181 16.29 15.79 0.46
N ARG A 182 16.10 17.08 0.23
CA ARG A 182 15.93 18.03 1.32
C ARG A 182 15.25 19.28 0.75
N ALA A 183 14.60 20.04 1.62
CA ALA A 183 13.92 21.25 1.19
C ALA A 183 14.95 22.31 0.77
N ASN A 184 14.64 23.01 -0.32
CA ASN A 184 15.51 24.06 -0.85
C ASN A 184 15.06 25.40 -0.26
N GLY A 185 15.21 25.52 1.06
CA GLY A 185 14.80 26.71 1.77
C GLY A 185 14.38 26.24 3.15
N SER A 186 13.69 27.08 3.92
CA SER A 186 13.30 26.67 5.25
C SER A 186 11.84 26.28 5.43
N VAL A 187 11.63 25.04 5.87
CA VAL A 187 10.29 24.54 6.11
C VAL A 187 9.93 24.97 7.52
N PRO A 188 8.72 25.52 7.71
CA PRO A 188 8.30 25.94 9.05
C PRO A 188 8.35 24.81 10.06
N ASP A 189 8.41 25.18 11.34
CA ASP A 189 8.49 24.20 12.43
C ASP A 189 7.15 23.59 12.82
N ASP A 190 6.57 22.85 11.88
CA ASP A 190 5.29 22.16 12.10
C ASP A 190 5.44 20.82 11.37
N LEU A 191 5.42 19.73 12.13
CA LEU A 191 5.57 18.41 11.53
C LEU A 191 4.53 18.12 10.45
N ARG A 192 3.32 18.64 10.64
CA ARG A 192 2.25 18.43 9.66
C ARG A 192 2.69 18.91 8.28
N VAL A 193 3.34 20.07 8.25
CA VAL A 193 3.82 20.65 7.00
C VAL A 193 4.91 19.77 6.42
N HIS A 194 5.86 19.35 7.26
CA HIS A 194 6.94 18.49 6.80
C HIS A 194 6.35 17.23 6.19
N GLN A 195 5.25 16.75 6.79
CA GLN A 195 4.59 15.54 6.30
C GLN A 195 3.96 15.72 4.91
N TYR A 196 3.14 16.75 4.72
CA TYR A 196 2.56 16.84 3.38
C TYR A 196 3.61 17.25 2.34
N LEU A 197 4.72 17.83 2.79
CA LEU A 197 5.78 18.17 1.87
C LEU A 197 6.47 16.86 1.47
N LEU A 198 6.59 15.93 2.41
CA LEU A 198 7.22 14.65 2.12
C LEU A 198 6.28 13.86 1.22
N GLY A 199 4.97 14.08 1.38
CA GLY A 199 4.00 13.40 0.54
C GLY A 199 4.25 13.85 -0.89
N TYR A 200 4.46 15.15 -1.07
CA TYR A 200 4.74 15.74 -2.37
C TYR A 200 6.00 15.09 -2.95
N ALA A 201 7.05 15.08 -2.14
CA ALA A 201 8.33 14.53 -2.54
C ALA A 201 8.30 13.03 -2.82
N SER A 202 7.45 12.30 -2.12
CA SER A 202 7.38 10.86 -2.30
C SER A 202 7.00 10.41 -3.71
N ASP A 203 6.48 11.33 -4.51
CA ASP A 203 6.06 10.98 -5.87
C ASP A 203 7.15 11.25 -6.91
N LEU A 204 8.33 11.66 -6.43
CA LEU A 204 9.48 11.94 -7.30
C LEU A 204 10.46 10.76 -7.27
N ASN A 205 11.17 10.54 -8.37
CA ASN A 205 12.14 9.45 -8.47
C ASN A 205 11.55 8.15 -7.95
N PHE A 206 10.27 7.93 -8.21
CA PHE A 206 9.60 6.75 -7.73
C PHE A 206 9.23 5.77 -8.86
N LEU A 207 8.05 5.96 -9.45
CA LEU A 207 7.58 5.09 -10.52
C LEU A 207 8.59 4.79 -11.63
N PRO A 208 9.36 5.80 -12.08
CA PRO A 208 10.33 5.56 -13.14
C PRO A 208 11.31 4.41 -12.88
N VAL A 209 11.55 4.10 -11.61
CA VAL A 209 12.48 3.01 -11.28
C VAL A 209 12.06 1.68 -11.91
N ALA A 210 10.77 1.53 -12.18
CA ALA A 210 10.23 0.31 -12.78
C ALA A 210 10.63 0.20 -14.26
N LEU A 211 11.09 1.31 -14.83
CA LEU A 211 11.51 1.32 -16.23
C LEU A 211 12.98 0.94 -16.39
N GLN A 212 13.72 1.01 -15.29
CA GLN A 212 15.17 0.75 -15.36
C GLN A 212 15.62 -0.58 -16.00
N PRO A 213 15.00 -1.70 -15.62
CA PRO A 213 15.43 -2.98 -16.22
C PRO A 213 15.26 -2.96 -17.73
N HIS A 214 14.38 -2.10 -18.22
CA HIS A 214 14.09 -2.03 -19.64
C HIS A 214 14.83 -0.93 -20.39
N GLY A 215 15.73 -0.23 -19.68
CA GLY A 215 16.53 0.83 -20.28
C GLY A 215 15.80 2.00 -20.90
N ILE A 216 14.58 2.26 -20.44
CA ILE A 216 13.79 3.35 -21.00
C ILE A 216 13.52 4.48 -20.01
N GLY A 217 13.66 5.72 -20.48
CA GLY A 217 13.40 6.88 -19.64
C GLY A 217 11.97 7.33 -19.89
N PHE A 218 11.30 7.85 -18.85
CA PHE A 218 9.90 8.26 -19.02
C PHE A 218 9.67 9.48 -19.89
N LEU A 219 10.73 10.18 -20.24
CA LEU A 219 10.56 11.35 -21.11
C LEU A 219 10.94 11.01 -22.55
N GLU A 220 11.15 9.74 -22.84
CA GLU A 220 11.46 9.32 -24.20
C GLU A 220 10.15 9.34 -24.98
N PRO A 221 10.23 9.58 -26.30
CA PRO A 221 9.03 9.62 -27.15
C PRO A 221 8.26 8.31 -27.24
N GLY A 222 6.95 8.40 -27.06
CA GLY A 222 6.12 7.21 -27.14
C GLY A 222 6.08 6.39 -25.86
N ILE A 223 6.85 6.79 -24.86
CA ILE A 223 6.85 6.08 -23.59
C ILE A 223 5.83 6.75 -22.67
N GLN A 224 4.88 5.98 -22.15
CA GLN A 224 3.88 6.55 -21.27
C GLN A 224 3.76 5.86 -19.92
N ILE A 225 4.00 6.60 -18.85
CA ILE A 225 3.83 6.05 -17.51
C ILE A 225 2.86 6.99 -16.79
N ALA A 226 2.01 6.43 -15.95
CA ALA A 226 1.04 7.23 -15.21
C ALA A 226 0.68 6.52 -13.90
N THR A 227 0.71 7.29 -12.82
CA THR A 227 0.39 6.74 -11.51
C THR A 227 -1.06 6.27 -11.40
N ILE A 228 -1.24 5.06 -10.89
CA ILE A 228 -2.57 4.52 -10.68
C ILE A 228 -2.90 4.73 -9.21
N ASP A 229 -2.00 4.27 -8.34
CA ASP A 229 -2.19 4.41 -6.90
C ASP A 229 -0.91 4.78 -6.15
N HIS A 230 -1.05 5.55 -5.09
CA HIS A 230 0.10 5.95 -4.29
C HIS A 230 -0.28 5.85 -2.83
N SER A 231 0.51 5.12 -2.06
CA SER A 231 0.22 4.95 -0.65
C SER A 231 1.46 5.23 0.19
N MET A 232 1.25 5.64 1.43
CA MET A 232 2.38 6.00 2.28
C MET A 232 2.07 5.83 3.77
N TRP A 233 3.09 5.42 4.53
CA TRP A 233 2.97 5.23 5.96
C TRP A 233 4.06 6.04 6.63
N PHE A 234 3.67 6.96 7.49
CA PHE A 234 4.62 7.81 8.22
C PHE A 234 4.92 7.11 9.53
N HIS A 235 6.07 6.46 9.59
CA HIS A 235 6.48 5.73 10.78
C HIS A 235 6.98 6.61 11.91
N ARG A 236 7.81 7.60 11.58
CA ARG A 236 8.40 8.45 12.60
C ARG A 236 8.53 9.93 12.21
N PRO A 237 8.73 10.82 13.19
CA PRO A 237 8.87 12.24 12.90
C PRO A 237 10.18 12.47 12.15
N PHE A 238 10.26 13.57 11.42
CA PHE A 238 11.46 13.87 10.65
C PHE A 238 11.51 15.36 10.37
N ASN A 239 12.66 15.81 9.88
CA ASN A 239 12.89 17.21 9.56
C ASN A 239 13.36 17.34 8.10
N LEU A 240 12.47 17.77 7.21
CA LEU A 240 12.81 17.91 5.80
C LEU A 240 13.81 19.03 5.52
N ASN A 241 14.26 19.72 6.57
CA ASN A 241 15.27 20.76 6.41
C ASN A 241 16.60 20.04 6.33
N GLU A 242 16.59 18.78 6.78
CA GLU A 242 17.78 17.95 6.77
C GLU A 242 17.65 16.90 5.66
N TRP A 243 18.75 16.23 5.32
CA TRP A 243 18.73 15.22 4.25
C TRP A 243 17.96 13.95 4.57
N LEU A 244 17.30 13.43 3.55
CA LEU A 244 16.55 12.18 3.66
C LEU A 244 16.90 11.35 2.46
N LEU A 245 17.20 10.07 2.70
CA LEU A 245 17.52 9.17 1.61
C LEU A 245 16.23 8.48 1.18
N TYR A 246 15.91 8.55 -0.10
CA TYR A 246 14.72 7.90 -0.63
C TYR A 246 15.26 6.68 -1.37
N SER A 247 15.11 5.52 -0.74
CA SER A 247 15.56 4.26 -1.31
C SER A 247 14.40 3.57 -1.99
N VAL A 248 14.48 3.44 -3.30
CA VAL A 248 13.40 2.84 -4.09
C VAL A 248 13.77 1.57 -4.86
N GLU A 249 12.80 0.67 -4.98
CA GLU A 249 12.98 -0.59 -5.70
C GLU A 249 11.71 -0.91 -6.50
N SER A 250 11.88 -1.60 -7.63
CA SER A 250 10.74 -2.03 -8.43
C SER A 250 10.82 -3.55 -8.43
N THR A 251 9.99 -4.17 -7.60
CA THR A 251 9.98 -5.61 -7.48
C THR A 251 9.20 -6.30 -8.58
N SER A 252 8.48 -5.54 -9.40
CA SER A 252 7.72 -6.15 -10.47
C SER A 252 7.16 -5.20 -11.52
N ALA A 253 6.96 -5.76 -12.70
CA ALA A 253 6.37 -5.06 -13.85
C ALA A 253 5.70 -6.17 -14.66
N SER A 254 4.47 -5.93 -15.09
CA SER A 254 3.72 -6.89 -15.88
C SER A 254 2.40 -6.26 -16.31
N SER A 255 1.80 -6.84 -17.35
CA SER A 255 0.51 -6.36 -17.86
C SER A 255 0.43 -4.86 -18.06
N ALA A 256 1.49 -4.27 -18.58
CA ALA A 256 1.53 -2.84 -18.84
C ALA A 256 1.49 -2.00 -17.55
N ARG A 257 1.93 -2.59 -16.44
CA ARG A 257 1.97 -1.88 -15.17
C ARG A 257 3.37 -1.99 -14.55
N GLY A 258 3.72 -1.00 -13.73
CA GLY A 258 5.00 -0.97 -13.05
C GLY A 258 4.74 -0.79 -11.56
N PHE A 259 5.43 -1.55 -10.72
CA PHE A 259 5.24 -1.52 -9.28
C PHE A 259 6.50 -1.10 -8.51
N VAL A 260 6.38 -0.11 -7.64
CA VAL A 260 7.53 0.35 -6.87
C VAL A 260 7.25 0.47 -5.37
N ARG A 261 8.30 0.29 -4.57
CA ARG A 261 8.21 0.40 -3.12
C ARG A 261 9.38 1.29 -2.68
N GLY A 262 9.11 2.22 -1.79
CA GLY A 262 10.15 3.12 -1.32
C GLY A 262 10.22 3.27 0.18
N GLU A 263 11.35 3.78 0.65
CA GLU A 263 11.58 4.01 2.07
C GLU A 263 12.42 5.27 2.24
N PHE A 264 12.06 6.09 3.21
CA PHE A 264 12.81 7.32 3.50
C PHE A 264 13.58 7.11 4.80
N TYR A 265 14.87 7.44 4.77
CA TYR A 265 15.73 7.32 5.95
C TYR A 265 16.45 8.62 6.24
N THR A 266 16.73 8.90 7.52
CA THR A 266 17.49 10.08 7.87
C THR A 266 18.93 9.66 7.61
N GLN A 267 19.85 10.61 7.50
CA GLN A 267 21.23 10.23 7.25
C GLN A 267 21.75 9.32 8.36
N ASP A 268 21.26 9.52 9.58
CA ASP A 268 21.68 8.69 10.69
C ASP A 268 21.05 7.29 10.70
N GLY A 269 20.25 6.99 9.67
CA GLY A 269 19.66 5.67 9.57
C GLY A 269 18.26 5.42 10.13
N VAL A 270 17.56 6.47 10.53
CA VAL A 270 16.21 6.28 11.06
C VAL A 270 15.19 6.12 9.93
N LEU A 271 14.43 5.03 9.97
CA LEU A 271 13.40 4.78 8.95
C LEU A 271 12.21 5.68 9.25
N VAL A 272 11.98 6.65 8.37
CA VAL A 272 10.93 7.64 8.54
C VAL A 272 9.59 7.36 7.87
N ALA A 273 9.63 6.73 6.69
CA ALA A 273 8.38 6.47 5.97
C ALA A 273 8.57 5.45 4.88
N SER A 274 7.46 4.81 4.50
CA SER A 274 7.46 3.80 3.45
C SER A 274 6.40 4.20 2.43
N THR A 275 6.65 3.88 1.17
CA THR A 275 5.74 4.20 0.09
C THR A 275 5.57 3.02 -0.86
N VAL A 276 4.44 3.01 -1.56
CA VAL A 276 4.16 1.97 -2.53
C VAL A 276 3.31 2.59 -3.62
N GLN A 277 3.64 2.28 -4.86
CA GLN A 277 2.89 2.82 -5.98
C GLN A 277 2.92 1.90 -7.19
N GLU A 278 1.81 1.84 -7.91
CA GLU A 278 1.75 1.09 -9.15
C GLU A 278 1.27 2.07 -10.20
N GLY A 279 1.80 1.93 -11.41
CA GLY A 279 1.40 2.84 -12.45
C GLY A 279 1.38 2.18 -13.81
N VAL A 280 0.75 2.85 -14.77
CA VAL A 280 0.69 2.33 -16.12
C VAL A 280 2.06 2.57 -16.75
N MET A 281 2.53 1.60 -17.53
CA MET A 281 3.80 1.73 -18.23
C MET A 281 3.61 1.14 -19.62
N ARG A 282 3.56 2.02 -20.62
CA ARG A 282 3.35 1.59 -21.99
C ARG A 282 4.35 2.20 -22.95
N ASN A 283 4.72 1.42 -23.96
CA ASN A 283 5.60 1.89 -25.01
C ASN A 283 4.68 1.86 -26.23
N HIS A 284 4.32 3.02 -26.74
CA HIS A 284 3.40 3.11 -27.86
C HIS A 284 3.96 2.92 -29.27
N ASN A 285 4.56 1.75 -29.50
CA ASN A 285 5.16 1.35 -30.79
C ASN A 285 6.48 0.64 -30.55
N SER B 1 -12.43 -31.53 3.51
CA SER B 1 -12.58 -30.83 2.20
C SER B 1 -13.84 -29.96 2.19
N GLN B 2 -14.77 -30.30 3.08
CA GLN B 2 -16.00 -29.55 3.20
C GLN B 2 -15.67 -28.11 3.57
N ALA B 3 -14.57 -27.92 4.30
CA ALA B 3 -14.15 -26.60 4.72
C ALA B 3 -13.96 -25.64 3.54
N LEU B 4 -13.19 -26.07 2.53
CA LEU B 4 -12.98 -25.21 1.38
C LEU B 4 -14.31 -24.85 0.70
N LYS B 5 -15.16 -25.84 0.45
CA LYS B 5 -16.44 -25.53 -0.20
C LYS B 5 -17.28 -24.63 0.68
N ASN B 6 -17.11 -24.73 2.00
CA ASN B 6 -17.87 -23.88 2.91
C ASN B 6 -17.36 -22.44 2.81
N LEU B 7 -16.05 -22.28 2.63
CA LEU B 7 -15.49 -20.94 2.50
C LEU B 7 -15.90 -20.34 1.18
N LEU B 8 -15.77 -21.10 0.10
CA LEU B 8 -16.14 -20.59 -1.23
C LEU B 8 -17.61 -20.23 -1.29
N THR B 9 -18.44 -20.99 -0.57
CA THR B 9 -19.87 -20.70 -0.56
C THR B 9 -20.09 -19.40 0.20
N LEU B 10 -19.34 -19.23 1.28
CA LEU B 10 -19.43 -18.04 2.12
C LEU B 10 -18.95 -16.77 1.41
N LEU B 11 -17.99 -16.92 0.50
CA LEU B 11 -17.48 -15.78 -0.25
C LEU B 11 -18.37 -15.47 -1.45
N ASN B 12 -19.19 -16.43 -1.85
CA ASN B 12 -20.10 -16.22 -2.97
C ASN B 12 -21.33 -15.53 -2.37
N LEU B 13 -21.30 -14.21 -2.34
CA LEU B 13 -22.35 -13.41 -1.75
C LEU B 13 -23.75 -13.52 -2.32
N GLU B 14 -24.71 -13.23 -1.45
CA GLU B 14 -26.12 -13.24 -1.78
C GLU B 14 -26.43 -11.85 -2.34
N LYS B 15 -26.98 -11.81 -3.55
CA LYS B 15 -27.31 -10.54 -4.18
C LYS B 15 -28.64 -9.98 -3.70
N ILE B 16 -28.62 -8.73 -3.26
CA ILE B 16 -29.84 -8.07 -2.78
C ILE B 16 -30.32 -7.14 -3.90
N GLU B 17 -29.38 -6.55 -4.61
CA GLU B 17 -29.67 -5.65 -5.73
C GLU B 17 -28.36 -5.42 -6.45
N GLU B 18 -28.40 -4.71 -7.58
CA GLU B 18 -27.18 -4.43 -8.33
C GLU B 18 -26.18 -3.72 -7.41
N GLY B 19 -24.98 -4.27 -7.30
CA GLY B 19 -23.97 -3.67 -6.45
C GLY B 19 -24.33 -3.62 -4.98
N LEU B 20 -25.21 -4.52 -4.54
CA LEU B 20 -25.62 -4.57 -3.14
C LEU B 20 -25.74 -6.03 -2.71
N PHE B 21 -24.81 -6.47 -1.86
CA PHE B 21 -24.79 -7.85 -1.42
C PHE B 21 -24.84 -8.03 0.09
N ARG B 22 -25.09 -9.27 0.50
CA ARG B 22 -25.15 -9.65 1.91
C ARG B 22 -24.30 -10.90 2.08
N GLY B 23 -23.45 -10.89 3.11
CA GLY B 23 -22.59 -12.05 3.35
C GLY B 23 -22.68 -12.56 4.78
N GLN B 24 -22.53 -13.88 4.93
CA GLN B 24 -22.55 -14.52 6.24
C GLN B 24 -21.14 -14.51 6.75
N SER B 25 -21.02 -14.69 8.03
CA SER B 25 -19.78 -14.85 8.71
C SER B 25 -19.87 -16.05 9.65
N GLU B 26 -18.62 -15.92 9.74
CA GLU B 26 -17.85 -16.76 10.69
C GLU B 26 -17.16 -18.00 10.16
N ASP B 27 -17.80 -18.72 11.04
CA ASP B 27 -18.03 -19.90 11.74
C ASP B 27 -16.67 -20.27 12.29
N LEU B 28 -15.49 -20.07 11.68
CA LEU B 28 -14.32 -20.82 12.23
C LEU B 28 -13.45 -20.35 13.38
N GLY B 29 -14.05 -20.10 14.54
CA GLY B 29 -13.25 -19.68 15.68
C GLY B 29 -13.15 -18.18 15.80
N LEU B 30 -13.13 -17.79 17.04
CA LEU B 30 -13.07 -16.44 17.44
C LEU B 30 -14.27 -15.68 17.10
N ARG B 31 -14.82 -14.93 18.04
CA ARG B 31 -16.06 -14.26 17.60
C ARG B 31 -15.91 -13.06 16.61
N GLN B 32 -14.95 -12.19 16.82
CA GLN B 32 -14.74 -11.15 15.90
C GLN B 32 -14.57 -11.71 14.50
N VAL B 33 -14.93 -10.92 13.49
CA VAL B 33 -14.82 -11.37 12.12
C VAL B 33 -13.38 -11.34 11.63
N PHE B 34 -12.96 -12.41 10.96
CA PHE B 34 -11.61 -12.48 10.42
C PHE B 34 -11.48 -11.48 9.26
N GLY B 35 -10.43 -10.67 9.29
CA GLY B 35 -10.23 -9.68 8.26
C GLY B 35 -10.26 -10.23 6.84
N GLY B 36 -9.69 -11.42 6.67
CA GLY B 36 -9.66 -12.05 5.37
C GLY B 36 -11.04 -12.28 4.80
N GLN B 37 -12.01 -12.60 5.66
CA GLN B 37 -13.38 -12.83 5.20
C GLN B 37 -13.91 -11.54 4.55
N VAL B 38 -13.71 -10.42 5.23
CA VAL B 38 -14.19 -9.15 4.71
C VAL B 38 -13.52 -8.85 3.37
N VAL B 39 -12.21 -9.02 3.32
CA VAL B 39 -11.47 -8.77 2.08
C VAL B 39 -11.99 -9.65 0.95
N GLY B 40 -12.10 -10.95 1.21
CA GLY B 40 -12.58 -11.88 0.20
C GLY B 40 -13.96 -11.53 -0.32
N GLN B 41 -14.88 -11.25 0.59
CA GLN B 41 -16.24 -10.90 0.22
C GLN B 41 -16.35 -9.55 -0.48
N ALA B 42 -15.56 -8.58 -0.04
CA ALA B 42 -15.59 -7.26 -0.67
C ALA B 42 -15.10 -7.40 -2.10
N LEU B 43 -14.10 -8.25 -2.31
CA LEU B 43 -13.55 -8.47 -3.64
C LEU B 43 -14.59 -9.12 -4.55
N TYR B 44 -15.35 -10.06 -4.00
CA TYR B 44 -16.40 -10.73 -4.78
C TYR B 44 -17.42 -9.69 -5.24
N ALA B 45 -17.90 -8.91 -4.27
CA ALA B 45 -18.89 -7.89 -4.56
C ALA B 45 -18.38 -6.95 -5.63
N ALA B 46 -17.14 -6.48 -5.47
CA ALA B 46 -16.57 -5.57 -6.43
C ALA B 46 -16.50 -6.17 -7.85
N LYS B 47 -15.94 -7.38 -7.96
CA LYS B 47 -15.81 -8.00 -9.27
C LYS B 47 -17.13 -8.28 -9.96
N GLU B 48 -18.20 -8.46 -9.19
CA GLU B 48 -19.52 -8.72 -9.77
C GLU B 48 -20.02 -7.52 -10.59
N THR B 49 -19.49 -6.33 -10.28
CA THR B 49 -19.90 -5.10 -10.96
C THR B 49 -18.94 -4.65 -12.05
N VAL B 50 -17.95 -5.47 -12.34
CA VAL B 50 -16.94 -5.14 -13.34
C VAL B 50 -17.04 -6.02 -14.58
N PRO B 51 -16.65 -5.48 -15.75
CA PRO B 51 -16.70 -6.28 -16.99
C PRO B 51 -15.92 -7.55 -16.69
N GLU B 52 -16.41 -8.67 -17.23
CA GLU B 52 -15.80 -9.98 -16.98
C GLU B 52 -14.32 -10.10 -17.31
N GLU B 53 -13.88 -9.47 -18.38
CA GLU B 53 -12.49 -9.55 -18.80
C GLU B 53 -11.54 -8.73 -17.93
N ARG B 54 -12.06 -7.83 -17.11
CA ARG B 54 -11.20 -7.01 -16.27
C ARG B 54 -11.00 -7.64 -14.88
N LEU B 55 -9.76 -8.06 -14.63
CA LEU B 55 -9.40 -8.70 -13.37
C LEU B 55 -8.79 -7.71 -12.40
N VAL B 56 -9.07 -7.91 -11.12
CA VAL B 56 -8.51 -7.02 -10.10
C VAL B 56 -6.99 -7.06 -10.15
N HIS B 57 -6.35 -5.89 -10.08
CA HIS B 57 -4.89 -5.84 -10.08
C HIS B 57 -4.40 -5.17 -8.80
N SER B 58 -5.30 -4.52 -8.07
CA SER B 58 -4.93 -3.88 -6.80
C SER B 58 -6.13 -3.43 -5.99
N PHE B 59 -5.92 -3.28 -4.69
CA PHE B 59 -6.96 -2.78 -3.80
C PHE B 59 -6.33 -2.22 -2.53
N HIS B 60 -7.00 -1.24 -1.94
CA HIS B 60 -6.57 -0.59 -0.70
C HIS B 60 -7.78 -0.73 0.21
N SER B 61 -7.55 -0.92 1.50
CA SER B 61 -8.69 -1.02 2.41
C SER B 61 -8.33 -0.57 3.80
N TYR B 62 -9.32 -0.02 4.49
CA TYR B 62 -9.16 0.43 5.86
C TYR B 62 -10.26 -0.21 6.70
N PHE B 63 -9.90 -0.69 7.88
CA PHE B 63 -10.86 -1.29 8.78
C PHE B 63 -11.17 -0.20 9.81
N LEU B 64 -12.45 0.06 10.02
CA LEU B 64 -12.86 1.10 10.94
C LEU B 64 -13.42 0.57 12.25
N ARG B 65 -14.08 -0.59 12.19
CA ARG B 65 -14.69 -1.20 13.38
C ARG B 65 -14.55 -2.71 13.35
N PRO B 66 -14.54 -3.36 14.53
CA PRO B 66 -14.41 -4.82 14.54
C PRO B 66 -15.74 -5.41 14.08
N GLY B 67 -15.69 -6.39 13.20
CA GLY B 67 -16.93 -6.99 12.73
C GLY B 67 -17.44 -8.07 13.66
N ASP B 68 -18.77 -8.20 13.77
CA ASP B 68 -19.38 -9.21 14.63
C ASP B 68 -19.75 -10.40 13.75
N SER B 69 -19.14 -11.54 14.01
CA SER B 69 -19.39 -12.72 13.20
C SER B 69 -20.75 -13.37 13.41
N LYS B 70 -21.49 -12.91 14.40
CA LYS B 70 -22.83 -13.47 14.67
C LYS B 70 -23.83 -12.82 13.71
N LYS B 71 -23.45 -11.71 13.10
CA LYS B 71 -24.34 -11.01 12.18
C LYS B 71 -23.81 -11.00 10.76
N PRO B 72 -24.72 -10.89 9.77
CA PRO B 72 -24.28 -10.86 8.39
C PRO B 72 -23.65 -9.49 8.10
N ILE B 73 -23.01 -9.37 6.94
CA ILE B 73 -22.39 -8.11 6.57
C ILE B 73 -22.95 -7.69 5.23
N ILE B 74 -23.26 -6.40 5.10
CA ILE B 74 -23.80 -5.89 3.85
C ILE B 74 -22.70 -5.17 3.08
N TYR B 75 -22.54 -5.52 1.82
CA TYR B 75 -21.52 -4.90 0.99
C TYR B 75 -22.18 -4.06 -0.10
N ASP B 76 -21.89 -2.76 -0.08
CA ASP B 76 -22.45 -1.81 -1.04
C ASP B 76 -21.32 -1.35 -1.96
N VAL B 77 -21.48 -1.63 -3.24
CA VAL B 77 -20.45 -1.26 -4.22
C VAL B 77 -20.76 0.03 -4.97
N GLU B 78 -19.76 0.90 -5.07
CA GLU B 78 -19.91 2.15 -5.79
C GLU B 78 -19.00 2.15 -7.01
N THR B 79 -19.54 2.54 -8.16
CA THR B 79 -18.74 2.58 -9.37
C THR B 79 -18.02 3.93 -9.42
N LEU B 80 -16.69 3.89 -9.33
CA LEU B 80 -15.91 5.11 -9.34
C LEU B 80 -15.52 5.50 -10.74
N ARG B 81 -15.24 4.50 -11.57
CA ARG B 81 -14.82 4.78 -12.94
C ARG B 81 -14.74 3.54 -13.84
N ASP B 82 -14.97 3.77 -15.13
CA ASP B 82 -14.88 2.72 -16.15
C ASP B 82 -14.27 3.38 -17.38
N GLY B 83 -12.96 3.20 -17.56
CA GLY B 83 -12.27 3.79 -18.69
C GLY B 83 -11.99 2.80 -19.80
N ASN B 84 -11.20 3.22 -20.79
CA ASN B 84 -10.85 2.35 -21.89
C ASN B 84 -10.05 1.16 -21.39
N SER B 85 -9.43 1.30 -20.22
CA SER B 85 -8.62 0.21 -19.65
C SER B 85 -8.98 -0.21 -18.23
N PHE B 86 -9.17 0.76 -17.34
CA PHE B 86 -9.46 0.44 -15.95
C PHE B 86 -10.86 0.70 -15.42
N SER B 87 -11.28 -0.15 -14.49
CA SER B 87 -12.56 -0.03 -13.81
C SER B 87 -12.22 0.04 -12.32
N ALA B 88 -12.73 1.06 -11.65
CA ALA B 88 -12.45 1.22 -10.22
C ALA B 88 -13.75 1.17 -9.42
N ARG B 89 -13.72 0.48 -8.29
CA ARG B 89 -14.91 0.34 -7.45
C ARG B 89 -14.56 0.50 -5.97
N ARG B 90 -15.49 1.06 -5.22
CA ARG B 90 -15.30 1.23 -3.78
C ARG B 90 -16.38 0.39 -3.09
N VAL B 91 -15.97 -0.43 -2.13
CA VAL B 91 -16.90 -1.29 -1.43
C VAL B 91 -17.02 -0.92 0.04
N ALA B 92 -18.25 -0.75 0.50
CA ALA B 92 -18.50 -0.44 1.90
C ALA B 92 -19.03 -1.70 2.58
N ALA B 93 -18.40 -2.08 3.70
CA ALA B 93 -18.83 -3.25 4.47
C ALA B 93 -19.59 -2.67 5.65
N ILE B 94 -20.87 -3.02 5.74
CA ILE B 94 -21.73 -2.47 6.78
C ILE B 94 -22.34 -3.48 7.74
N GLN B 95 -22.34 -3.12 9.02
CA GLN B 95 -22.91 -3.92 10.09
C GLN B 95 -23.40 -2.98 11.18
N ASN B 96 -24.61 -3.24 11.68
CA ASN B 96 -25.19 -2.41 12.72
C ASN B 96 -25.26 -0.94 12.29
N GLY B 97 -25.69 -0.72 11.05
CA GLY B 97 -25.82 0.64 10.54
C GLY B 97 -24.57 1.49 10.51
N LYS B 98 -23.41 0.85 10.47
CA LYS B 98 -22.16 1.58 10.42
C LYS B 98 -21.12 0.91 9.54
N PRO B 99 -20.28 1.72 8.89
CA PRO B 99 -19.26 1.10 8.03
C PRO B 99 -18.19 0.48 8.93
N ILE B 100 -17.82 -0.76 8.64
CA ILE B 100 -16.78 -1.39 9.43
C ILE B 100 -15.54 -1.55 8.57
N PHE B 101 -15.69 -1.27 7.27
CA PHE B 101 -14.58 -1.46 6.35
C PHE B 101 -14.87 -0.84 4.99
N TYR B 102 -13.83 -0.31 4.35
CA TYR B 102 -13.93 0.26 3.01
C TYR B 102 -12.79 -0.28 2.18
N MET B 103 -13.09 -0.63 0.94
CA MET B 103 -12.06 -1.12 0.04
C MET B 103 -12.25 -0.45 -1.31
N THR B 104 -11.16 -0.04 -1.93
CA THR B 104 -11.22 0.52 -3.26
C THR B 104 -10.35 -0.40 -4.09
N ALA B 105 -10.93 -0.95 -5.15
CA ALA B 105 -10.21 -1.89 -6.00
C ALA B 105 -10.17 -1.42 -7.45
N SER B 106 -9.09 -1.77 -8.14
CA SER B 106 -8.93 -1.40 -9.54
C SER B 106 -8.83 -2.67 -10.39
N PHE B 107 -9.49 -2.66 -11.54
CA PHE B 107 -9.54 -3.82 -12.44
C PHE B 107 -9.04 -3.45 -13.83
N GLN B 108 -8.35 -4.39 -14.47
CA GLN B 108 -7.81 -4.17 -15.80
C GLN B 108 -7.85 -5.44 -16.63
N ALA B 109 -7.98 -5.31 -17.94
CA ALA B 109 -8.01 -6.47 -18.82
C ALA B 109 -6.59 -6.97 -19.08
N PRO B 110 -6.46 -8.26 -19.43
CA PRO B 110 -5.18 -8.91 -19.71
C PRO B 110 -4.42 -8.21 -20.83
N GLU B 111 -3.12 -8.01 -20.62
CA GLU B 111 -2.29 -7.35 -21.63
C GLU B 111 -0.81 -7.67 -21.45
N ALA B 112 -0.08 -7.78 -22.55
CA ALA B 112 1.35 -8.04 -22.48
C ALA B 112 2.06 -6.71 -22.35
N GLY B 113 3.18 -6.70 -21.62
CA GLY B 113 3.92 -5.48 -21.44
C GLY B 113 5.29 -5.79 -20.85
N PHE B 114 5.95 -4.77 -20.31
CA PHE B 114 7.26 -4.95 -19.70
C PHE B 114 7.16 -5.99 -18.59
N GLU B 115 8.15 -6.89 -18.55
CA GLU B 115 8.17 -7.94 -17.54
C GLU B 115 9.48 -7.99 -16.77
N HIS B 116 9.38 -7.98 -15.45
CA HIS B 116 10.56 -8.12 -14.60
C HIS B 116 10.04 -8.40 -13.19
N GLN B 117 10.85 -9.07 -12.40
CA GLN B 117 10.45 -9.37 -11.04
C GLN B 117 11.64 -9.64 -10.14
N LYS B 118 11.42 -9.42 -8.86
CA LYS B 118 12.42 -9.65 -7.84
C LYS B 118 12.64 -11.16 -7.76
N THR B 119 13.85 -11.59 -7.45
CA THR B 119 14.13 -13.02 -7.35
C THR B 119 13.55 -13.58 -6.04
N MET B 120 12.86 -14.70 -6.14
CA MET B 120 12.27 -15.37 -4.99
C MET B 120 13.32 -15.64 -3.90
N PRO B 121 13.01 -15.32 -2.65
CA PRO B 121 13.97 -15.58 -1.57
C PRO B 121 14.13 -17.08 -1.39
N SER B 122 15.27 -17.53 -0.89
CA SER B 122 15.45 -18.96 -0.70
C SER B 122 14.58 -19.43 0.46
N ALA B 123 13.99 -20.61 0.29
CA ALA B 123 13.14 -21.18 1.32
C ALA B 123 13.07 -22.67 1.07
N PRO B 124 12.99 -23.45 2.15
CA PRO B 124 12.91 -24.90 2.00
C PRO B 124 11.57 -25.29 1.39
N ALA B 125 11.57 -26.41 0.65
CA ALA B 125 10.35 -26.90 0.02
C ALA B 125 9.31 -27.23 1.06
N PRO B 126 8.02 -27.18 0.68
CA PRO B 126 6.95 -27.49 1.63
C PRO B 126 6.89 -28.96 2.04
N ASP B 127 7.37 -29.83 1.16
CA ASP B 127 7.38 -31.28 1.39
C ASP B 127 7.88 -31.72 2.76
N GLY B 128 8.95 -31.08 3.24
CA GLY B 128 9.50 -31.47 4.53
C GLY B 128 9.00 -30.69 5.73
N LEU B 129 7.87 -30.01 5.60
CA LEU B 129 7.34 -29.22 6.71
C LEU B 129 5.94 -29.60 7.16
N PRO B 130 5.70 -29.56 8.47
CA PRO B 130 4.39 -29.90 9.03
C PRO B 130 3.40 -28.75 8.77
N SER B 131 2.12 -29.09 8.73
CA SER B 131 1.07 -28.09 8.52
C SER B 131 0.65 -27.53 9.87
N GLU B 132 -0.03 -26.38 9.87
CA GLU B 132 -0.49 -25.80 11.12
C GLU B 132 -1.54 -26.73 11.74
N THR B 133 -2.24 -27.50 10.91
CA THR B 133 -3.23 -28.43 11.46
C THR B 133 -2.52 -29.51 12.26
N GLN B 134 -1.36 -29.97 11.77
CA GLN B 134 -0.59 -30.99 12.47
C GLN B 134 -0.06 -30.44 13.80
N ILE B 135 0.47 -29.22 13.73
CA ILE B 135 1.02 -28.56 14.90
C ILE B 135 -0.05 -28.35 15.96
N ALA B 136 -1.24 -27.94 15.53
CA ALA B 136 -2.34 -27.70 16.46
C ALA B 136 -2.78 -29.02 17.09
N GLN B 137 -2.92 -30.05 16.26
CA GLN B 137 -3.33 -31.35 16.77
C GLN B 137 -2.29 -31.91 17.72
N SER B 138 -1.02 -31.57 17.50
CA SER B 138 0.00 -32.06 18.40
C SER B 138 -0.07 -31.30 19.73
N LEU B 139 -0.35 -30.00 19.66
CA LEU B 139 -0.46 -29.18 20.87
C LEU B 139 -1.73 -29.50 21.65
N ALA B 140 -2.73 -30.04 20.96
CA ALA B 140 -3.99 -30.40 21.58
C ALA B 140 -3.84 -31.56 22.56
N HIS B 141 -2.74 -32.30 22.46
CA HIS B 141 -2.50 -33.40 23.38
C HIS B 141 -2.22 -32.80 24.75
N LEU B 142 -2.07 -31.48 24.79
CA LEU B 142 -1.82 -30.77 26.04
C LEU B 142 -3.15 -30.48 26.74
N LEU B 143 -4.24 -30.59 25.99
CA LEU B 143 -5.57 -30.34 26.54
C LEU B 143 -6.17 -31.59 27.16
N PRO B 144 -7.08 -31.43 28.14
CA PRO B 144 -7.71 -32.60 28.77
C PRO B 144 -8.74 -33.13 27.79
N PRO B 145 -9.08 -34.42 27.89
CA PRO B 145 -10.06 -35.05 27.00
C PRO B 145 -11.33 -34.24 26.74
N VAL B 146 -11.89 -33.62 27.78
CA VAL B 146 -13.12 -32.83 27.59
C VAL B 146 -12.97 -31.81 26.47
N LEU B 147 -11.81 -31.18 26.39
CA LEU B 147 -11.58 -30.15 25.37
C LEU B 147 -10.94 -30.67 24.10
N LYS B 148 -9.95 -31.54 24.26
CA LYS B 148 -9.27 -32.11 23.10
C LYS B 148 -10.33 -32.50 22.07
N ASP B 149 -11.44 -33.07 22.53
CA ASP B 149 -12.51 -33.43 21.61
C ASP B 149 -13.61 -32.38 21.53
N LYS B 150 -13.70 -31.81 20.33
CA LYS B 150 -14.63 -30.77 19.94
C LYS B 150 -13.70 -30.02 19.03
N PHE B 151 -12.53 -29.74 19.57
CA PHE B 151 -11.50 -29.06 18.81
C PHE B 151 -11.07 -29.96 17.65
N ILE B 152 -10.31 -29.36 16.73
CA ILE B 152 -9.74 -29.96 15.53
C ILE B 152 -9.86 -28.90 14.45
N CYS B 153 -8.88 -28.82 13.58
CA CYS B 153 -8.91 -27.83 12.55
C CYS B 153 -9.12 -28.35 11.15
N ASP B 154 -10.35 -28.28 10.67
CA ASP B 154 -10.63 -28.65 9.30
C ASP B 154 -10.64 -27.29 8.65
N ARG B 155 -9.59 -27.00 7.87
CA ARG B 155 -9.43 -25.70 7.24
C ARG B 155 -9.59 -25.69 5.73
N PRO B 156 -9.99 -24.54 5.17
CA PRO B 156 -10.17 -24.40 3.72
C PRO B 156 -8.80 -24.30 3.05
N LEU B 157 -7.79 -23.93 3.82
CA LEU B 157 -6.43 -23.80 3.33
C LEU B 157 -5.49 -24.67 4.15
N GLU B 158 -4.33 -24.98 3.56
CA GLU B 158 -3.31 -25.76 4.26
C GLU B 158 -2.09 -24.84 4.36
N VAL B 159 -1.54 -24.73 5.56
CA VAL B 159 -0.40 -23.85 5.79
C VAL B 159 0.76 -24.59 6.46
N ARG B 160 1.94 -24.49 5.84
CA ARG B 160 3.14 -25.12 6.38
C ARG B 160 4.20 -24.04 6.61
N PRO B 161 4.36 -23.60 7.87
CA PRO B 161 5.37 -22.57 8.17
C PRO B 161 6.80 -23.08 8.18
N VAL B 162 7.73 -22.23 7.76
CA VAL B 162 9.14 -22.60 7.76
C VAL B 162 9.57 -22.64 9.23
N GLU B 163 9.17 -21.62 9.97
CA GLU B 163 9.46 -21.51 11.41
C GLU B 163 8.10 -21.27 12.07
N PHE B 164 7.77 -22.07 13.09
CA PHE B 164 6.49 -21.88 13.75
C PHE B 164 6.56 -20.87 14.89
N HIS B 165 5.69 -19.88 14.85
CA HIS B 165 5.61 -18.86 15.89
C HIS B 165 4.29 -19.08 16.61
N ASN B 166 4.36 -19.70 17.78
CA ASN B 166 3.14 -19.97 18.53
C ASN B 166 2.48 -18.69 19.03
N PRO B 167 1.26 -18.42 18.57
CA PRO B 167 0.52 -17.21 18.96
C PRO B 167 0.19 -17.16 20.46
N LEU B 168 0.26 -18.31 21.12
CA LEU B 168 -0.04 -18.39 22.55
C LEU B 168 1.18 -18.12 23.41
N LYS B 169 2.37 -18.25 22.83
CA LYS B 169 3.59 -18.01 23.60
C LYS B 169 4.51 -16.97 22.96
N GLY B 170 4.98 -17.24 21.75
CA GLY B 170 5.86 -16.27 21.11
C GLY B 170 7.28 -16.29 21.64
N HIS B 171 8.24 -16.19 20.73
CA HIS B 171 9.65 -16.16 21.09
C HIS B 171 10.33 -15.07 20.28
N VAL B 172 11.42 -14.53 20.79
CA VAL B 172 12.14 -13.47 20.08
C VAL B 172 12.74 -14.00 18.78
N ALA B 173 12.57 -13.22 17.71
CA ALA B 173 13.09 -13.60 16.40
C ALA B 173 13.09 -12.43 15.44
N GLU B 174 13.89 -12.55 14.38
CA GLU B 174 13.98 -11.51 13.36
C GLU B 174 12.59 -11.28 12.77
N PRO B 175 12.30 -10.05 12.31
CA PRO B 175 10.99 -9.74 11.73
C PRO B 175 10.78 -10.25 10.30
N HIS B 176 10.89 -11.56 10.13
CA HIS B 176 10.70 -12.22 8.84
C HIS B 176 10.00 -13.55 9.07
N ARG B 177 9.11 -13.92 8.15
CA ARG B 177 8.41 -15.19 8.25
C ARG B 177 8.09 -15.72 6.87
N GLN B 178 8.12 -17.04 6.73
CA GLN B 178 7.80 -17.69 5.46
C GLN B 178 6.85 -18.85 5.75
N VAL B 179 5.74 -18.91 5.03
CA VAL B 179 4.80 -20.01 5.19
C VAL B 179 4.36 -20.42 3.79
N TRP B 180 4.09 -21.72 3.63
CA TRP B 180 3.63 -22.22 2.33
C TRP B 180 2.13 -22.44 2.45
N ILE B 181 1.40 -21.96 1.45
CA ILE B 181 -0.06 -22.07 1.44
C ILE B 181 -0.63 -22.62 0.14
N ARG B 182 -1.74 -23.34 0.26
CA ARG B 182 -2.45 -23.87 -0.88
C ARG B 182 -3.85 -24.18 -0.41
N ALA B 183 -4.77 -24.28 -1.35
CA ALA B 183 -6.15 -24.61 -0.99
C ALA B 183 -6.19 -26.07 -0.54
N ASN B 184 -7.01 -26.34 0.48
CA ASN B 184 -7.19 -27.69 1.00
C ASN B 184 -8.47 -28.20 0.33
N GLY B 185 -8.36 -28.47 -0.97
CA GLY B 185 -9.50 -28.93 -1.75
C GLY B 185 -9.30 -28.41 -3.15
N SER B 186 -10.31 -28.54 -4.01
CA SER B 186 -10.18 -28.06 -5.39
C SER B 186 -10.84 -26.72 -5.65
N VAL B 187 -10.04 -25.75 -6.08
CA VAL B 187 -10.56 -24.43 -6.37
C VAL B 187 -11.02 -24.40 -7.82
N PRO B 188 -12.21 -23.83 -8.07
CA PRO B 188 -12.78 -23.71 -9.42
C PRO B 188 -11.74 -23.14 -10.39
N ASP B 189 -11.84 -23.50 -11.67
CA ASP B 189 -10.89 -23.03 -12.67
C ASP B 189 -11.30 -21.66 -13.19
N ASP B 190 -11.38 -20.70 -12.27
CA ASP B 190 -11.75 -19.32 -12.57
C ASP B 190 -10.75 -18.47 -11.77
N LEU B 191 -9.88 -17.75 -12.47
CA LEU B 191 -8.87 -16.93 -11.81
C LEU B 191 -9.44 -15.95 -10.79
N ARG B 192 -10.62 -15.43 -11.08
CA ARG B 192 -11.26 -14.48 -10.19
C ARG B 192 -11.47 -15.09 -8.80
N VAL B 193 -11.86 -16.37 -8.76
CA VAL B 193 -12.08 -17.04 -7.48
C VAL B 193 -10.74 -17.21 -6.76
N HIS B 194 -9.71 -17.61 -7.49
CA HIS B 194 -8.40 -17.80 -6.90
C HIS B 194 -7.93 -16.49 -6.26
N GLN B 195 -8.28 -15.38 -6.91
CA GLN B 195 -7.88 -14.07 -6.42
C GLN B 195 -8.53 -13.67 -5.11
N TYR B 196 -9.85 -13.77 -5.00
CA TYR B 196 -10.40 -13.37 -3.71
C TYR B 196 -10.11 -14.38 -2.61
N LEU B 197 -9.71 -15.60 -3.01
CA LEU B 197 -9.35 -16.61 -2.04
C LEU B 197 -7.95 -16.21 -1.54
N LEU B 198 -7.11 -15.73 -2.44
CA LEU B 198 -5.77 -15.30 -2.04
C LEU B 198 -5.93 -14.05 -1.20
N GLY B 199 -6.94 -13.24 -1.54
CA GLY B 199 -7.19 -12.03 -0.77
C GLY B 199 -7.44 -12.47 0.67
N TYR B 200 -8.25 -13.52 0.81
CA TYR B 200 -8.59 -14.09 2.10
C TYR B 200 -7.31 -14.56 2.81
N ALA B 201 -6.53 -15.36 2.11
CA ALA B 201 -5.30 -15.90 2.66
C ALA B 201 -4.25 -14.86 3.01
N SER B 202 -4.20 -13.77 2.25
CA SER B 202 -3.20 -12.73 2.47
C SER B 202 -3.23 -12.13 3.88
N ASP B 203 -4.34 -12.29 4.58
CA ASP B 203 -4.46 -11.72 5.92
C ASP B 203 -4.01 -12.69 7.02
N LEU B 204 -3.50 -13.85 6.61
CA LEU B 204 -3.02 -14.87 7.56
C LEU B 204 -1.49 -14.80 7.63
N ASN B 205 -0.93 -15.14 8.80
CA ASN B 205 0.52 -15.11 8.99
C ASN B 205 1.14 -13.81 8.50
N PHE B 206 0.44 -12.71 8.70
CA PHE B 206 0.92 -11.42 8.22
C PHE B 206 1.28 -10.45 9.35
N LEU B 207 0.29 -9.70 9.83
CA LEU B 207 0.54 -8.72 10.88
C LEU B 207 1.38 -9.23 12.06
N PRO B 208 1.09 -10.44 12.57
CA PRO B 208 1.84 -11.00 13.70
C PRO B 208 3.36 -10.96 13.56
N VAL B 209 3.86 -10.91 12.33
CA VAL B 209 5.30 -10.87 12.13
C VAL B 209 5.95 -9.66 12.79
N ALA B 210 5.18 -8.59 12.94
CA ALA B 210 5.69 -7.37 13.55
C ALA B 210 5.93 -7.51 15.06
N LEU B 211 5.48 -8.62 15.63
CA LEU B 211 5.65 -8.88 17.06
C LEU B 211 6.89 -9.71 17.35
N GLN B 212 7.44 -10.35 16.32
CA GLN B 212 8.59 -11.21 16.49
C GLN B 212 9.82 -10.62 17.18
N PRO B 213 10.22 -9.39 16.82
CA PRO B 213 11.39 -8.79 17.48
C PRO B 213 11.16 -8.56 18.96
N HIS B 214 9.89 -8.63 19.37
CA HIS B 214 9.53 -8.42 20.76
C HIS B 214 9.09 -9.70 21.47
N GLY B 215 9.25 -10.84 20.79
CA GLY B 215 8.90 -12.14 21.33
C GLY B 215 7.51 -12.31 21.93
N ILE B 216 6.52 -11.67 21.34
CA ILE B 216 5.15 -11.77 21.85
C ILE B 216 4.24 -12.47 20.85
N GLY B 217 3.40 -13.38 21.34
CA GLY B 217 2.47 -14.07 20.46
C GLY B 217 1.22 -13.21 20.43
N PHE B 218 0.52 -13.16 19.28
CA PHE B 218 -0.67 -12.32 19.19
C PHE B 218 -1.91 -12.75 19.95
N LEU B 219 -1.88 -13.92 20.56
CA LEU B 219 -3.04 -14.39 21.33
C LEU B 219 -2.78 -14.34 22.83
N GLU B 220 -1.57 -13.97 23.22
CA GLU B 220 -1.23 -13.86 24.63
C GLU B 220 -2.08 -12.82 25.33
N PRO B 221 -2.26 -12.96 26.65
CA PRO B 221 -3.07 -12.01 27.43
C PRO B 221 -2.44 -10.62 27.51
N GLY B 222 -3.27 -9.60 27.37
CA GLY B 222 -2.79 -8.23 27.44
C GLY B 222 -2.24 -7.73 26.11
N ILE B 223 -2.11 -8.64 25.15
CA ILE B 223 -1.59 -8.27 23.84
C ILE B 223 -2.74 -8.03 22.89
N GLN B 224 -2.71 -6.89 22.20
CA GLN B 224 -3.77 -6.58 21.26
C GLN B 224 -3.26 -6.08 19.94
N ILE B 225 -3.61 -6.80 18.87
CA ILE B 225 -3.24 -6.37 17.54
C ILE B 225 -4.52 -6.34 16.73
N ALA B 226 -4.61 -5.37 15.82
CA ALA B 226 -5.79 -5.25 14.99
C ALA B 226 -5.38 -4.52 13.71
N THR B 227 -5.83 -5.05 12.59
CA THR B 227 -5.54 -4.47 11.30
C THR B 227 -6.14 -3.08 11.13
N ILE B 228 -5.38 -2.17 10.55
CA ILE B 228 -5.86 -0.81 10.29
C ILE B 228 -6.15 -0.76 8.80
N ASP B 229 -5.14 -1.11 8.00
CA ASP B 229 -5.28 -1.10 6.55
C ASP B 229 -4.61 -2.30 5.90
N HIS B 230 -5.18 -2.76 4.78
CA HIS B 230 -4.63 -3.92 4.08
C HIS B 230 -4.71 -3.65 2.59
N SER B 231 -3.57 -3.74 1.91
CA SER B 231 -3.52 -3.49 0.48
C SER B 231 -2.82 -4.62 -0.23
N MET B 232 -3.19 -4.82 -1.50
CA MET B 232 -2.62 -5.91 -2.27
C MET B 232 -2.57 -5.59 -3.76
N TRP B 233 -1.55 -6.11 -4.42
CA TRP B 233 -1.36 -5.92 -5.85
C TRP B 233 -1.18 -7.30 -6.48
N PHE B 234 -2.06 -7.64 -7.41
CA PHE B 234 -2.02 -8.92 -8.11
C PHE B 234 -1.17 -8.72 -9.36
N HIS B 235 0.08 -9.17 -9.31
CA HIS B 235 1.00 -9.00 -10.44
C HIS B 235 0.82 -10.00 -11.57
N ARG B 236 0.60 -11.27 -11.21
CA ARG B 236 0.46 -12.31 -12.23
C ARG B 236 -0.58 -13.36 -11.89
N PRO B 237 -1.05 -14.10 -12.91
CA PRO B 237 -2.04 -15.14 -12.67
C PRO B 237 -1.41 -16.25 -11.83
N PHE B 238 -2.24 -17.08 -11.19
CA PHE B 238 -1.72 -18.15 -10.35
C PHE B 238 -2.80 -19.18 -10.08
N ASN B 239 -2.41 -20.32 -9.51
CA ASN B 239 -3.32 -21.42 -9.20
C ASN B 239 -3.17 -21.82 -7.74
N LEU B 240 -4.12 -21.41 -6.90
CA LEU B 240 -4.05 -21.72 -5.47
C LEU B 240 -4.18 -23.20 -5.14
N ASN B 241 -4.36 -24.04 -6.17
CA ASN B 241 -4.41 -25.47 -5.94
C ASN B 241 -2.96 -25.91 -5.75
N GLU B 242 -2.04 -25.10 -6.24
CA GLU B 242 -0.61 -25.41 -6.12
C GLU B 242 -0.04 -24.54 -5.02
N TRP B 243 1.14 -24.91 -4.52
CA TRP B 243 1.79 -24.16 -3.45
C TRP B 243 2.21 -22.73 -3.79
N LEU B 244 2.15 -21.87 -2.79
CA LEU B 244 2.58 -20.48 -2.91
C LEU B 244 3.32 -20.17 -1.61
N LEU B 245 4.44 -19.48 -1.73
CA LEU B 245 5.22 -19.08 -0.57
C LEU B 245 4.81 -17.67 -0.19
N TYR B 246 4.47 -17.46 1.08
CA TYR B 246 4.10 -16.13 1.53
C TYR B 246 5.29 -15.63 2.34
N SER B 247 6.12 -14.82 1.71
CA SER B 247 7.32 -14.26 2.34
C SER B 247 6.94 -12.93 2.96
N VAL B 248 7.03 -12.86 4.28
CA VAL B 248 6.65 -11.65 5.01
C VAL B 248 7.76 -11.03 5.85
N GLU B 249 7.74 -9.71 5.94
CA GLU B 249 8.72 -8.97 6.73
C GLU B 249 8.03 -7.80 7.45
N SER B 250 8.56 -7.41 8.59
CA SER B 250 8.05 -6.26 9.32
C SER B 250 9.20 -5.26 9.35
N THR B 251 9.14 -4.27 8.48
CA THR B 251 10.19 -3.28 8.37
C THR B 251 10.15 -2.22 9.47
N SER B 252 9.06 -2.17 10.22
CA SER B 252 8.96 -1.16 11.27
C SER B 252 7.81 -1.38 12.24
N ALA B 253 7.98 -0.82 13.43
CA ALA B 253 6.97 -0.85 14.49
C ALA B 253 7.24 0.39 15.30
N SER B 254 6.20 1.19 15.55
CA SER B 254 6.35 2.40 16.32
C SER B 254 4.99 3.01 16.62
N SER B 255 4.93 3.77 17.70
CA SER B 255 3.71 4.45 18.13
C SER B 255 2.51 3.53 18.30
N ALA B 256 2.75 2.32 18.79
CA ALA B 256 1.67 1.36 18.99
C ALA B 256 1.13 0.81 17.69
N ARG B 257 1.94 0.86 16.64
CA ARG B 257 1.56 0.33 15.34
C ARG B 257 2.64 -0.64 14.84
N GLY B 258 2.23 -1.59 14.00
CA GLY B 258 3.15 -2.56 13.44
C GLY B 258 2.95 -2.55 11.93
N PHE B 259 4.05 -2.63 11.17
CA PHE B 259 4.01 -2.57 9.71
C PHE B 259 4.60 -3.81 9.04
N VAL B 260 3.87 -4.38 8.08
CA VAL B 260 4.35 -5.57 7.38
C VAL B 260 4.16 -5.50 5.87
N ARG B 261 5.06 -6.14 5.14
CA ARG B 261 5.02 -6.19 3.69
C ARG B 261 5.22 -7.65 3.31
N GLY B 262 4.38 -8.18 2.43
CA GLY B 262 4.49 -9.56 2.02
C GLY B 262 4.54 -9.78 0.52
N GLU B 263 4.94 -10.98 0.14
CA GLU B 263 5.02 -11.34 -1.27
C GLU B 263 4.69 -12.82 -1.41
N PHE B 264 3.91 -13.12 -2.45
CA PHE B 264 3.53 -14.49 -2.75
C PHE B 264 4.31 -14.96 -3.99
N TYR B 265 4.97 -16.12 -3.87
CA TYR B 265 5.72 -16.68 -4.99
C TYR B 265 5.28 -18.13 -5.26
N THR B 266 5.27 -18.54 -6.52
CA THR B 266 4.92 -19.92 -6.84
C THR B 266 6.17 -20.71 -6.45
N GLN B 267 6.05 -22.02 -6.32
CA GLN B 267 7.20 -22.82 -5.94
C GLN B 267 8.33 -22.66 -6.96
N ASP B 268 7.97 -22.47 -8.23
CA ASP B 268 8.94 -22.28 -9.31
C ASP B 268 9.61 -20.90 -9.27
N GLY B 269 9.14 -20.02 -8.39
CA GLY B 269 9.76 -18.71 -8.28
C GLY B 269 9.07 -17.52 -8.92
N VAL B 270 7.83 -17.67 -9.36
CA VAL B 270 7.12 -16.55 -9.98
C VAL B 270 6.49 -15.64 -8.91
N LEU B 271 6.74 -14.35 -9.01
CA LEU B 271 6.18 -13.36 -8.08
C LEU B 271 4.75 -13.10 -8.52
N VAL B 272 3.80 -13.55 -7.71
CA VAL B 272 2.38 -13.45 -8.00
C VAL B 272 1.63 -12.24 -7.45
N ALA B 273 2.02 -11.81 -6.26
CA ALA B 273 1.35 -10.67 -5.65
C ALA B 273 2.13 -10.13 -4.46
N SER B 274 1.83 -8.88 -4.11
CA SER B 274 2.49 -8.21 -3.00
C SER B 274 1.43 -7.65 -2.06
N THR B 275 1.76 -7.55 -0.78
CA THR B 275 0.82 -7.05 0.21
C THR B 275 1.48 -6.12 1.22
N VAL B 276 0.67 -5.22 1.79
CA VAL B 276 1.15 -4.29 2.79
C VAL B 276 0.05 -4.05 3.81
N GLN B 277 0.42 -4.03 5.08
CA GLN B 277 -0.57 -3.81 6.12
C GLN B 277 0.04 -3.22 7.37
N GLU B 278 -0.70 -2.31 7.99
CA GLU B 278 -0.29 -1.72 9.25
C GLU B 278 -1.45 -1.98 10.18
N GLY B 279 -1.14 -2.21 11.45
CA GLY B 279 -2.20 -2.46 12.39
C GLY B 279 -1.82 -2.01 13.77
N VAL B 280 -2.81 -1.92 14.63
CA VAL B 280 -2.55 -1.52 16.00
C VAL B 280 -1.82 -2.66 16.69
N MET B 281 -0.86 -2.31 17.54
CA MET B 281 -0.13 -3.29 18.32
C MET B 281 0.08 -2.69 19.70
N ARG B 282 -0.65 -3.20 20.68
CA ARG B 282 -0.57 -2.73 22.06
C ARG B 282 -0.35 -3.85 23.06
N ASN B 283 0.39 -3.53 24.12
CA ASN B 283 0.65 -4.48 25.19
C ASN B 283 0.06 -3.82 26.44
N HIS B 284 -1.19 -4.15 26.74
CA HIS B 284 -1.89 -3.58 27.90
C HIS B 284 -1.46 -4.10 29.26
N ASN B 285 -0.35 -3.57 29.78
CA ASN B 285 0.16 -3.98 31.10
C ASN B 285 0.76 -5.37 31.10
#